data_9GQL
#
_entry.id   9GQL
#
_cell.length_a   36.526
_cell.length_b   59.71
_cell.length_c   66.875
_cell.angle_alpha   90
_cell.angle_beta   90
_cell.angle_gamma   90
#
_symmetry.space_group_name_H-M   'P 2 21 21'
#
loop_
_entity.id
_entity.type
_entity.pdbx_description
1 polymer 'Oxidized purine nucleoside triphosphate hydrolase'
2 non-polymer stanozolol
3 non-polymer GLYCEROL
4 non-polymer 'SULFATE ION'
5 water water
#
_entity_poly.entity_id   1
_entity_poly.type   'polypeptide(L)'
_entity_poly.pdbx_seq_one_letter_code
;MGASRLYTLVLVLQPQRVLLGMKKRGFGAGRWNGFGGKVQEGETIEDGARRELQEESGLTVDALHKVGQIVFEFVGEPEL
MDVHVFCTDSIQGTPVESDEMRPCWFQLDQIPFKDMWPDDSYWFPLLLQKKKFHGYFKFQGQDTILDYTLREVDTV
;
_entity_poly.pdbx_strand_id   A
#
loop_
_chem_comp.id
_chem_comp.type
_chem_comp.name
_chem_comp.formula
A1IOS non-polymer stanozolol 'C21 H32 N2 O'
GOL non-polymer GLYCEROL 'C3 H8 O3'
SO4 non-polymer 'SULFATE ION' 'O4 S -2'
#
# COMPACT_ATOMS: atom_id res chain seq x y z
N ALA A 3 17.88 -3.86 -10.59
CA ALA A 3 16.72 -3.49 -11.44
C ALA A 3 15.47 -3.47 -10.59
N SER A 4 15.58 -2.92 -9.37
CA SER A 4 14.41 -2.77 -8.54
C SER A 4 14.32 -1.33 -8.09
N ARG A 5 13.11 -0.77 -8.08
CA ARG A 5 12.83 0.59 -7.70
C ARG A 5 12.03 0.58 -6.41
N LEU A 6 12.41 1.47 -5.49
CA LEU A 6 11.79 1.59 -4.19
C LEU A 6 10.47 2.33 -4.29
N TYR A 7 9.47 1.77 -3.61
N TYR A 7 9.49 1.82 -3.54
CA TYR A 7 8.17 2.40 -3.40
CA TYR A 7 8.15 2.39 -3.45
C TYR A 7 7.75 2.18 -1.94
C TYR A 7 7.66 2.13 -2.02
N THR A 8 6.83 3.03 -1.51
CA THR A 8 6.16 2.81 -0.23
C THR A 8 4.66 2.73 -0.45
N LEU A 9 4.00 2.08 0.50
CA LEU A 9 2.56 1.90 0.51
C LEU A 9 2.13 1.97 1.97
N VAL A 10 1.21 2.89 2.30
CA VAL A 10 0.82 3.13 3.67
C VAL A 10 -0.67 2.91 3.85
N LEU A 11 -0.98 2.10 4.89
CA LEU A 11 -2.36 1.80 5.30
C LEU A 11 -2.65 2.51 6.61
N VAL A 12 -3.73 3.28 6.61
CA VAL A 12 -4.18 3.92 7.82
C VAL A 12 -5.22 3.03 8.46
N LEU A 13 -4.84 2.45 9.60
CA LEU A 13 -5.55 1.32 10.16
C LEU A 13 -5.90 1.67 11.58
N GLN A 14 -7.21 1.88 11.86
CA GLN A 14 -7.67 2.11 13.22
C GLN A 14 -8.40 0.88 13.71
N PRO A 15 -8.78 0.80 15.00
CA PRO A 15 -9.31 -0.45 15.54
C PRO A 15 -10.37 -1.20 14.72
N GLN A 16 -11.37 -0.50 14.15
CA GLN A 16 -12.37 -1.20 13.37
C GLN A 16 -12.55 -0.65 11.96
N ARG A 17 -11.55 0.05 11.42
CA ARG A 17 -11.73 0.60 10.08
C ARG A 17 -10.38 0.89 9.43
N VAL A 18 -10.39 0.91 8.09
CA VAL A 18 -9.21 1.20 7.32
C VAL A 18 -9.56 2.28 6.30
N LEU A 19 -8.63 3.18 6.03
CA LEU A 19 -8.82 4.20 5.03
C LEU A 19 -8.19 3.74 3.72
N LEU A 20 -8.98 3.78 2.66
CA LEU A 20 -8.46 3.49 1.32
C LEU A 20 -8.80 4.66 0.40
N GLY A 21 -8.04 4.79 -0.66
CA GLY A 21 -8.28 5.84 -1.65
C GLY A 21 -8.52 5.20 -3.01
N MET A 22 -9.56 5.68 -3.68
CA MET A 22 -9.89 5.26 -5.04
C MET A 22 -9.09 6.17 -5.97
N LYS A 23 -8.30 5.53 -6.82
CA LYS A 23 -7.49 6.25 -7.77
C LYS A 23 -8.32 6.67 -8.97
N LYS A 24 -8.37 7.98 -9.26
CA LYS A 24 -9.50 8.51 -10.02
C LYS A 24 -9.22 8.58 -11.50
N ARG A 25 -7.93 8.60 -11.80
CA ARG A 25 -7.48 8.87 -13.13
C ARG A 25 -6.08 8.29 -13.19
N GLY A 26 -5.56 8.19 -14.40
CA GLY A 26 -4.19 7.76 -14.57
C GLY A 26 -4.03 6.29 -14.26
N PHE A 27 -2.81 5.93 -13.92
CA PHE A 27 -2.50 4.52 -13.71
C PHE A 27 -3.28 3.90 -12.56
N GLY A 28 -3.71 2.61 -12.75
CA GLY A 28 -4.40 1.84 -11.74
C GLY A 28 -5.71 2.49 -11.28
N ALA A 29 -6.18 3.45 -12.09
CA ALA A 29 -7.48 4.07 -11.85
C ALA A 29 -8.53 2.99 -11.67
N GLY A 30 -9.43 3.25 -10.76
CA GLY A 30 -10.58 2.41 -10.56
C GLY A 30 -10.38 1.38 -9.49
N ARG A 31 -9.22 1.37 -8.87
CA ARG A 31 -8.98 0.48 -7.74
C ARG A 31 -8.77 1.27 -6.45
N TRP A 32 -9.26 0.69 -5.33
CA TRP A 32 -8.96 1.20 -3.99
C TRP A 32 -7.57 0.74 -3.60
N ASN A 33 -6.88 1.56 -2.84
CA ASN A 33 -5.53 1.25 -2.40
C ASN A 33 -5.17 2.10 -1.21
N GLY A 34 -4.08 1.71 -0.55
CA GLY A 34 -3.39 2.58 0.37
C GLY A 34 -2.67 3.70 -0.38
N PHE A 35 -1.90 4.49 0.34
CA PHE A 35 -1.27 5.69 -0.18
C PHE A 35 0.20 5.42 -0.38
N GLY A 36 0.66 5.60 -1.61
CA GLY A 36 1.96 5.09 -1.96
C GLY A 36 2.62 5.97 -2.98
N GLY A 37 3.92 5.79 -3.07
CA GLY A 37 4.64 6.42 -4.17
C GLY A 37 6.13 6.10 -4.11
N LYS A 38 6.85 6.70 -5.07
CA LYS A 38 8.28 6.51 -5.22
C LYS A 38 9.04 7.19 -4.10
N VAL A 39 10.10 6.55 -3.62
CA VAL A 39 10.98 7.19 -2.65
C VAL A 39 11.97 8.08 -3.41
N GLN A 40 12.28 9.25 -2.84
CA GLN A 40 13.16 10.22 -3.49
C GLN A 40 14.62 9.96 -3.15
N GLU A 41 15.47 10.49 -4.02
CA GLU A 41 16.91 10.57 -3.71
C GLU A 41 17.12 11.34 -2.41
N GLY A 42 17.94 10.78 -1.52
CA GLY A 42 18.29 11.45 -0.27
C GLY A 42 17.23 11.34 0.83
N GLU A 43 16.16 10.59 0.58
CA GLU A 43 15.12 10.39 1.56
C GLU A 43 15.17 8.94 2.04
N THR A 44 14.97 8.71 3.35
CA THR A 44 14.79 7.34 3.83
C THR A 44 13.45 6.81 3.36
N ILE A 45 13.35 5.48 3.35
CA ILE A 45 12.09 4.83 3.01
C ILE A 45 10.98 5.31 3.94
N GLU A 46 11.24 5.38 5.24
CA GLU A 46 10.23 5.79 6.21
C GLU A 46 9.80 7.24 5.96
N ASP A 47 10.75 8.13 5.68
CA ASP A 47 10.37 9.50 5.41
C ASP A 47 9.57 9.60 4.12
N GLY A 48 9.90 8.79 3.12
CA GLY A 48 9.13 8.72 1.89
C GLY A 48 7.69 8.29 2.15
N ALA A 49 7.55 7.28 3.04
CA ALA A 49 6.20 6.78 3.36
C ALA A 49 5.37 7.87 4.03
N ARG A 50 5.99 8.60 4.96
CA ARG A 50 5.31 9.68 5.63
C ARG A 50 4.89 10.77 4.64
N ARG A 51 5.82 11.16 3.78
CA ARG A 51 5.54 12.19 2.79
C ARG A 51 4.40 11.77 1.86
N GLU A 52 4.47 10.55 1.30
CA GLU A 52 3.47 10.06 0.34
C GLU A 52 2.09 10.07 0.99
N LEU A 53 2.02 9.57 2.22
CA LEU A 53 0.76 9.54 2.95
C LEU A 53 0.19 10.94 3.10
N GLN A 54 1.03 11.89 3.55
CA GLN A 54 0.57 13.21 3.85
C GLN A 54 0.17 13.89 2.54
N GLU A 55 1.00 13.76 1.48
CA GLU A 55 0.74 14.44 0.22
C GLU A 55 -0.53 13.92 -0.47
N GLU A 56 -0.77 12.60 -0.36
CA GLU A 56 -1.85 12.01 -1.11
C GLU A 56 -3.19 12.04 -0.37
N SER A 57 -3.14 11.87 0.96
CA SER A 57 -4.36 11.74 1.74
C SER A 57 -4.78 13.01 2.45
N GLY A 58 -3.83 13.93 2.66
CA GLY A 58 -4.05 15.10 3.49
C GLY A 58 -3.90 14.90 4.99
N LEU A 59 -3.76 13.67 5.45
CA LEU A 59 -3.56 13.38 6.86
C LEU A 59 -2.13 13.74 7.27
N THR A 60 -1.96 13.95 8.57
CA THR A 60 -0.65 14.08 9.20
C THR A 60 -0.37 12.80 9.95
N VAL A 61 0.80 12.17 9.78
CA VAL A 61 1.04 10.90 10.47
C VAL A 61 2.07 11.22 11.53
N ASP A 62 1.79 10.72 12.73
CA ASP A 62 2.64 11.00 13.87
C ASP A 62 3.62 9.85 14.13
N ALA A 63 3.16 8.61 13.92
CA ALA A 63 3.96 7.39 14.02
C ALA A 63 3.53 6.36 12.97
N LEU A 64 4.53 5.70 12.36
CA LEU A 64 4.42 4.74 11.26
C LEU A 64 5.18 3.52 11.70
N HIS A 65 4.72 2.34 11.26
N HIS A 65 4.78 2.35 11.27
CA HIS A 65 5.34 1.05 11.54
CA HIS A 65 5.80 1.33 11.33
C HIS A 65 5.52 0.24 10.24
C HIS A 65 5.64 0.42 10.13
N LYS A 66 6.73 -0.28 9.93
CA LYS A 66 6.91 -1.09 8.74
C LYS A 66 6.28 -2.44 9.03
N VAL A 67 5.44 -2.92 8.11
CA VAL A 67 4.80 -4.20 8.27
C VAL A 67 5.12 -5.20 7.18
N GLY A 68 5.60 -4.78 6.03
CA GLY A 68 5.96 -5.77 5.03
C GLY A 68 6.82 -5.20 3.92
N GLN A 69 7.29 -6.12 3.10
CA GLN A 69 8.00 -5.81 1.87
C GLN A 69 7.48 -6.76 0.82
N ILE A 70 7.05 -6.20 -0.31
CA ILE A 70 6.51 -6.98 -1.43
C ILE A 70 7.23 -6.58 -2.70
N VAL A 71 7.79 -7.55 -3.41
CA VAL A 71 8.37 -7.31 -4.72
C VAL A 71 7.34 -7.66 -5.77
N PHE A 72 7.11 -6.76 -6.72
CA PHE A 72 6.23 -6.98 -7.85
C PHE A 72 7.03 -7.04 -9.14
N GLU A 73 6.75 -8.06 -9.91
CA GLU A 73 7.30 -8.25 -11.25
C GLU A 73 6.15 -8.25 -12.25
N PHE A 74 6.30 -7.49 -13.34
CA PHE A 74 5.40 -7.56 -14.46
C PHE A 74 6.16 -8.21 -15.61
N VAL A 75 5.67 -9.34 -16.09
CA VAL A 75 6.49 -10.06 -17.06
C VAL A 75 6.75 -9.20 -18.28
N GLY A 76 8.04 -9.24 -18.69
CA GLY A 76 8.52 -8.47 -19.82
C GLY A 76 9.03 -7.08 -19.46
N GLU A 77 8.65 -6.57 -18.29
CA GLU A 77 9.05 -5.26 -17.84
C GLU A 77 10.32 -5.38 -17.00
N PRO A 78 11.38 -4.62 -17.31
CA PRO A 78 12.64 -4.89 -16.63
C PRO A 78 12.67 -4.54 -15.16
N GLU A 79 11.98 -3.47 -14.79
CA GLU A 79 12.10 -2.96 -13.44
C GLU A 79 11.10 -3.66 -12.52
N LEU A 80 11.64 -4.21 -11.42
CA LEU A 80 10.81 -4.70 -10.33
C LEU A 80 10.41 -3.53 -9.43
N MET A 81 9.27 -3.66 -8.76
N MET A 81 9.26 -3.66 -8.77
CA MET A 81 8.85 -2.70 -7.76
CA MET A 81 8.85 -2.69 -7.77
C MET A 81 9.07 -3.30 -6.38
C MET A 81 9.09 -3.30 -6.40
N ASP A 82 9.91 -2.65 -5.58
CA ASP A 82 10.22 -3.11 -4.25
C ASP A 82 9.44 -2.26 -3.26
N VAL A 83 8.28 -2.76 -2.89
CA VAL A 83 7.29 -1.99 -2.14
C VAL A 83 7.42 -2.25 -0.64
N HIS A 84 7.70 -1.20 0.11
CA HIS A 84 7.77 -1.25 1.57
C HIS A 84 6.45 -0.76 2.12
N VAL A 85 5.78 -1.67 2.83
CA VAL A 85 4.43 -1.46 3.32
C VAL A 85 4.49 -1.02 4.78
N PHE A 86 3.73 0.02 5.11
CA PHE A 86 3.68 0.54 6.46
C PHE A 86 2.23 0.66 6.90
N CYS A 87 2.07 0.74 8.22
N CYS A 87 2.01 0.69 8.20
N CYS A 87 2.03 0.66 8.22
CA CYS A 87 0.78 0.91 8.85
CA CYS A 87 0.68 1.00 8.71
CA CYS A 87 0.76 0.98 8.82
C CYS A 87 0.88 2.09 9.80
C CYS A 87 0.80 1.98 9.87
C CYS A 87 0.90 2.15 9.77
N THR A 88 -0.23 2.83 10.01
CA THR A 88 -0.29 3.77 11.12
C THR A 88 -1.71 3.78 11.65
N ASP A 89 -1.86 4.03 12.96
CA ASP A 89 -3.16 4.33 13.53
C ASP A 89 -3.05 5.61 14.34
N SER A 90 -1.97 6.38 14.11
CA SER A 90 -1.73 7.59 14.90
C SER A 90 -1.54 8.73 13.93
N ILE A 91 -2.69 9.34 13.66
CA ILE A 91 -2.84 10.33 12.61
C ILE A 91 -3.55 11.52 13.24
N GLN A 92 -3.44 12.64 12.51
CA GLN A 92 -4.17 13.86 12.77
C GLN A 92 -4.77 14.38 11.46
N GLY A 93 -5.81 15.19 11.58
CA GLY A 93 -6.43 15.75 10.38
C GLY A 93 -7.52 14.84 9.84
N THR A 94 -8.06 15.23 8.68
CA THR A 94 -9.10 14.50 8.00
C THR A 94 -8.65 14.29 6.57
N PRO A 95 -9.08 13.19 5.95
CA PRO A 95 -8.67 12.92 4.59
C PRO A 95 -9.26 13.95 3.64
N VAL A 96 -8.48 14.28 2.62
CA VAL A 96 -8.84 15.28 1.65
C VAL A 96 -9.02 14.59 0.28
N GLU A 97 -10.19 14.73 -0.29
CA GLU A 97 -10.45 14.32 -1.65
C GLU A 97 -9.77 15.29 -2.61
N SER A 98 -9.09 14.75 -3.61
CA SER A 98 -8.42 15.54 -4.61
C SER A 98 -8.83 15.09 -6.01
N ASP A 99 -8.22 15.69 -7.02
CA ASP A 99 -8.35 15.26 -8.42
C ASP A 99 -7.84 13.84 -8.64
N GLU A 100 -6.94 13.38 -7.78
CA GLU A 100 -6.27 12.11 -8.02
C GLU A 100 -6.89 10.98 -7.21
N MET A 101 -7.58 11.33 -6.12
N MET A 101 -7.40 11.27 -5.99
CA MET A 101 -7.80 10.38 -5.04
CA MET A 101 -7.78 10.21 -5.07
C MET A 101 -9.12 10.66 -4.33
C MET A 101 -9.07 10.60 -4.34
N ARG A 102 -9.96 9.63 -4.18
CA ARG A 102 -11.19 9.73 -3.40
C ARG A 102 -11.06 8.83 -2.17
N PRO A 103 -10.95 9.39 -0.95
CA PRO A 103 -10.77 8.56 0.24
C PRO A 103 -12.10 8.16 0.86
N CYS A 104 -12.16 6.91 1.31
N CYS A 104 -12.07 6.98 1.45
CA CYS A 104 -13.28 6.43 2.10
CA CYS A 104 -13.22 6.39 2.09
C CYS A 104 -12.74 5.51 3.20
C CYS A 104 -12.72 5.50 3.21
N TRP A 105 -13.42 5.51 4.34
CA TRP A 105 -13.23 4.53 5.37
C TRP A 105 -14.06 3.29 5.11
N PHE A 106 -13.46 2.15 5.45
CA PHE A 106 -14.11 0.85 5.33
C PHE A 106 -14.06 0.09 6.64
N GLN A 107 -15.21 -0.46 6.99
CA GLN A 107 -15.22 -1.42 8.08
C GLN A 107 -14.39 -2.64 7.64
N LEU A 108 -13.74 -3.30 8.60
CA LEU A 108 -12.82 -4.36 8.22
C LEU A 108 -13.55 -5.52 7.53
N ASP A 109 -14.84 -5.71 7.77
CA ASP A 109 -15.55 -6.82 7.13
C ASP A 109 -16.07 -6.45 5.75
N GLN A 110 -15.80 -5.23 5.29
CA GLN A 110 -16.33 -4.72 4.05
C GLN A 110 -15.19 -4.16 3.21
N ILE A 111 -13.99 -4.70 3.37
CA ILE A 111 -12.91 -4.25 2.53
C ILE A 111 -13.19 -4.70 1.10
N PRO A 112 -13.05 -3.79 0.13
CA PRO A 112 -13.54 -4.04 -1.22
C PRO A 112 -12.54 -4.77 -2.13
N PHE A 113 -12.19 -5.99 -1.73
CA PHE A 113 -11.15 -6.75 -2.42
C PHE A 113 -11.40 -6.93 -3.92
N LYS A 114 -12.67 -7.04 -4.35
CA LYS A 114 -12.96 -7.22 -5.77
C LYS A 114 -12.56 -5.99 -6.59
N ASP A 115 -12.40 -4.82 -5.94
CA ASP A 115 -12.02 -3.56 -6.60
C ASP A 115 -10.68 -3.07 -6.05
N MET A 116 -9.80 -4.02 -5.70
CA MET A 116 -8.43 -3.75 -5.29
C MET A 116 -7.49 -4.58 -6.16
N TRP A 117 -6.21 -4.28 -6.12
CA TRP A 117 -5.20 -5.14 -6.73
C TRP A 117 -5.43 -6.54 -6.20
N PRO A 118 -5.26 -7.58 -7.04
CA PRO A 118 -5.60 -8.94 -6.62
C PRO A 118 -4.67 -9.49 -5.55
N ASP A 119 -3.44 -9.00 -5.50
CA ASP A 119 -2.52 -9.46 -4.45
C ASP A 119 -3.01 -9.10 -3.04
N ASP A 120 -3.79 -8.01 -2.94
CA ASP A 120 -4.19 -7.52 -1.63
C ASP A 120 -4.98 -8.58 -0.85
N SER A 121 -5.72 -9.42 -1.57
CA SER A 121 -6.50 -10.48 -0.95
C SER A 121 -5.62 -11.45 -0.13
N TYR A 122 -4.35 -11.56 -0.52
CA TYR A 122 -3.38 -12.44 0.14
C TYR A 122 -2.76 -11.76 1.35
N TRP A 123 -2.25 -10.53 1.21
CA TRP A 123 -1.46 -9.94 2.29
C TRP A 123 -2.24 -9.00 3.22
N PHE A 124 -3.35 -8.42 2.76
CA PHE A 124 -4.10 -7.53 3.63
C PHE A 124 -4.54 -8.23 4.91
N PRO A 125 -5.02 -9.50 4.88
CA PRO A 125 -5.41 -10.16 6.11
C PRO A 125 -4.26 -10.28 7.10
N LEU A 126 -3.02 -10.42 6.60
CA LEU A 126 -1.86 -10.44 7.49
C LEU A 126 -1.66 -9.08 8.13
N LEU A 127 -1.73 -8.01 7.32
CA LEU A 127 -1.58 -6.65 7.87
C LEU A 127 -2.63 -6.39 8.95
N LEU A 128 -3.87 -6.81 8.72
CA LEU A 128 -4.96 -6.53 9.64
C LEU A 128 -4.76 -7.27 10.98
N GLN A 129 -4.06 -8.42 10.97
CA GLN A 129 -3.81 -9.26 12.13
C GLN A 129 -2.48 -8.89 12.79
N LYS A 130 -1.92 -7.76 12.37
CA LYS A 130 -0.67 -7.26 12.93
C LYS A 130 0.48 -8.23 12.72
N LYS A 131 0.46 -8.93 11.59
CA LYS A 131 1.58 -9.74 11.19
C LYS A 131 2.49 -8.92 10.27
N LYS A 132 3.75 -9.34 10.21
CA LYS A 132 4.70 -8.78 9.28
C LYS A 132 4.99 -9.82 8.22
N PHE A 133 5.32 -9.39 7.00
CA PHE A 133 5.48 -10.30 5.89
C PHE A 133 6.45 -9.84 4.83
N HIS A 134 6.92 -10.85 4.07
CA HIS A 134 7.68 -10.67 2.85
C HIS A 134 6.93 -11.38 1.74
N GLY A 135 6.70 -10.68 0.63
CA GLY A 135 5.96 -11.25 -0.48
C GLY A 135 6.62 -10.97 -1.82
N TYR A 136 6.22 -11.76 -2.81
CA TYR A 136 6.61 -11.59 -4.20
C TYR A 136 5.42 -11.95 -5.05
N PHE A 137 5.07 -11.08 -6.00
CA PHE A 137 3.97 -11.36 -6.91
C PHE A 137 4.45 -11.11 -8.31
N LYS A 138 4.26 -12.10 -9.18
CA LYS A 138 4.53 -11.99 -10.61
C LYS A 138 3.21 -11.85 -11.37
N PHE A 139 3.06 -10.70 -12.03
CA PHE A 139 1.86 -10.37 -12.77
C PHE A 139 2.05 -10.48 -14.27
N GLN A 140 0.96 -10.84 -14.92
CA GLN A 140 0.84 -10.59 -16.35
C GLN A 140 -0.25 -9.54 -16.55
N GLY A 141 0.19 -8.35 -16.95
CA GLY A 141 -0.69 -7.20 -16.95
C GLY A 141 -1.15 -6.86 -15.53
N GLN A 142 -2.28 -6.17 -15.39
CA GLN A 142 -2.70 -5.66 -14.10
C GLN A 142 -3.70 -6.58 -13.39
N ASP A 143 -4.13 -7.65 -14.04
CA ASP A 143 -5.27 -8.43 -13.54
C ASP A 143 -4.89 -9.85 -13.12
N THR A 144 -3.75 -10.39 -13.56
CA THR A 144 -3.50 -11.82 -13.45
C THR A 144 -2.21 -12.05 -12.66
N ILE A 145 -2.30 -12.80 -11.58
CA ILE A 145 -1.16 -13.25 -10.79
C ILE A 145 -0.76 -14.59 -11.36
N LEU A 146 0.45 -14.64 -11.93
CA LEU A 146 0.98 -15.89 -12.47
C LEU A 146 1.55 -16.77 -11.37
N ASP A 147 2.22 -16.13 -10.40
N ASP A 147 2.27 -16.16 -10.44
CA ASP A 147 3.06 -16.82 -9.42
CA ASP A 147 2.79 -16.91 -9.31
C ASP A 147 3.25 -15.90 -8.23
C ASP A 147 3.05 -15.90 -8.21
N TYR A 148 3.23 -16.44 -6.99
CA TYR A 148 3.54 -15.60 -5.85
C TYR A 148 4.14 -16.42 -4.73
N THR A 149 4.78 -15.71 -3.84
CA THR A 149 5.19 -16.24 -2.55
C THR A 149 4.83 -15.23 -1.48
N LEU A 150 4.50 -15.72 -0.30
CA LEU A 150 4.18 -14.85 0.83
C LEU A 150 4.53 -15.59 2.11
N ARG A 151 5.34 -14.95 2.96
CA ARG A 151 5.63 -15.54 4.25
C ARG A 151 5.63 -14.51 5.35
N GLU A 152 5.24 -14.96 6.54
CA GLU A 152 5.28 -14.12 7.70
C GLU A 152 6.69 -14.10 8.27
N VAL A 153 7.08 -12.95 8.81
CA VAL A 153 8.40 -12.75 9.36
C VAL A 153 8.30 -12.04 10.70
N ASP A 154 9.34 -12.13 11.53
CA ASP A 154 9.38 -11.34 12.75
C ASP A 154 10.01 -9.98 12.55
N THR A 155 10.83 -9.84 11.48
CA THR A 155 11.56 -8.63 11.17
C THR A 155 11.35 -8.39 9.68
N VAL A 156 10.85 -7.21 9.31
CA VAL A 156 10.71 -6.92 7.89
C VAL A 156 12.10 -6.65 7.27
CAV A1IOS B . 4.33 1.92 -8.84
CAL A1IOS B . 3.00 2.02 -9.60
CAM A1IOS B . 1.90 2.29 -8.54
CAN A1IOS B . 1.75 1.15 -7.52
CAJ A1IOS B . 1.38 -0.12 -8.16
CAF A1IOS B . 1.11 -1.20 -6.97
CAU A1IOS B . 2.33 -1.25 -5.98
CAA A1IOS B . -0.08 -0.89 -6.02
CAB A1IOS B . -0.59 -2.06 -5.37
CAO A1IOS B . -1.42 -2.23 -4.31
NAP A1IOS B . -1.59 -3.51 -4.03
NAQ A1IOS B . -0.87 -4.13 -4.88
CAC A1IOS B . -0.24 -3.30 -5.72
CAD A1IOS B . 0.62 -3.60 -6.79
CAE A1IOS B . 0.82 -2.46 -7.68
CAG A1IOS B . 1.98 -2.85 -8.71
CAH A1IOS B . 2.15 -1.78 -9.79
CAI A1IOS B . 2.48 -0.46 -9.13
CAK A1IOS B . 2.62 0.67 -10.24
CAR A1IOS B . 3.69 0.53 -11.29
CAS A1IOS B . 3.80 2.01 -11.85
CAT A1IOS B . 3.20 2.95 -10.80
CAW A1IOS B . 1.89 3.54 -11.25
OAX A1IOS B . 4.02 4.02 -10.50
HA0 A1IOS B . 5.14 1.91 -9.56
HA1 A1IOS B . 4.34 1.07 -8.18
HAZ A1IOS B . 4.41 2.80 -8.23
HAN A1IOS B . 0.95 2.42 -9.05
HAO A1IOS B . 2.14 3.21 -8.02
HAQ A1IOS B . 2.67 1.04 -6.96
HAP A1IOS B . 0.96 1.43 -6.82
HAL A1IOS B . 0.45 0.02 -8.71
HAX A1IOS B . 3.26 -1.32 -6.54
HAY A1IOS B . 2.26 -2.10 -5.31
HAW A1IOS B . 2.36 -0.35 -5.36
HAA A1IOS B . -0.92 -0.51 -6.52
HAB A1IOS B . 0.18 -0.33 -5.19
HAR A1IOS B . -1.88 -1.42 -3.76
HA6 A1IOS B . -2.15 -3.90 -3.30
HAE A1IOS B . 1.58 -3.91 -6.39
HAD A1IOS B . 0.20 -4.42 -7.35
HAF A1IOS B . -0.09 -2.32 -8.25
HAH A1IOS B . 2.92 -2.95 -8.17
HAG A1IOS B . 1.74 -3.79 -9.17
HAI A1IOS B . 1.21 -1.67 -10.32
HAJ A1IOS B . 2.91 -2.07 -10.49
HAK A1IOS B . 3.39 -0.57 -8.57
HAM A1IOS B . 1.67 0.75 -10.73
HAT A1IOS B . 4.64 0.26 -10.87
HAS A1IOS B . 3.39 -0.16 -12.08
HAU A1IOS B . 3.24 2.09 -12.78
HAV A1IOS B . 4.84 2.27 -12.01
HA4 A1IOS B . 2.04 4.08 -12.19
HA2 A1IOS B . 1.49 4.21 -10.50
HA3 A1IOS B . 1.22 2.72 -11.41
HA5 A1IOS B . 4.89 3.67 -10.31
C1 GOL C . -4.54 1.80 -7.42
O1 GOL C . -4.57 1.09 -8.64
C2 GOL C . -3.60 2.98 -7.52
O2 GOL C . -3.46 3.54 -6.21
C3 GOL C . -2.24 2.61 -8.09
O3 GOL C . -1.34 3.71 -8.05
H11 GOL C . -4.25 1.20 -6.70
H12 GOL C . -5.46 2.13 -7.21
HO1 GOL C . -5.05 0.46 -8.54
H2 GOL C . -4.01 3.65 -8.11
HO2 GOL C . -3.09 2.89 -5.75
H31 GOL C . -2.35 2.32 -9.03
H32 GOL C . -1.86 1.86 -7.57
HO3 GOL C . -0.58 3.49 -8.33
S SO4 D . 4.22 -20.28 -15.06
O1 SO4 D . 3.16 -21.27 -15.08
O2 SO4 D . 4.01 -19.35 -16.13
O3 SO4 D . 4.21 -19.56 -13.82
O4 SO4 D . 5.50 -20.92 -15.23
#